data_4TVR
#
_entry.id   4TVR
#
_cell.length_a   71.280
_cell.length_b   71.280
_cell.length_c   120.052
_cell.angle_alpha   90.00
_cell.angle_beta   90.00
_cell.angle_gamma   90.00
#
_symmetry.space_group_name_H-M   'P 43 21 2'
#
loop_
_entity.id
_entity.type
_entity.pdbx_description
1 polymer 'E3 ubiquitin-protein ligase UHRF2'
2 non-polymer 'ZINC ION'
3 non-polymer 'UNKNOWN ATOM OR ION'
4 water water
#
_entity_poly.entity_id   1
_entity_poly.type   'polypeptide(L)'
_entity_poly.pdbx_seq_one_letter_code
;GNQPSTSARARLIDPGFGIYKVNELVDARDVGLGAWFEAHIHSVTRASDGQSRGKTPLKNGNIKHKSKENTNKLDSVPST
SNSDCVAADEDVIYHIQYDEYPESGTLEMNVKDLRPRARTILKWNELNVGDVVMVNYNVESPGQRGFWFDAEITTLKTIS
RTKKELRVKIFLGGSEGTLNDCKIISVDEIFKIERPGAHPLSFADGKFLRRNDPECDLCGGDPEKKCHSCSCRVCGGKHE
PNMQLLCDECNVAYHIYCLNPPLDKVPAEEYWYCPSCKTD
;
_entity_poly.pdbx_strand_id   A
#
# COMPACT_ATOMS: atom_id res chain seq x y z
N THR A 6 -14.80 16.29 -12.14
CA THR A 6 -13.48 15.59 -12.16
C THR A 6 -12.46 16.32 -11.30
N SER A 7 -11.81 15.58 -10.39
CA SER A 7 -10.72 16.10 -9.59
C SER A 7 -9.47 16.27 -10.45
N ALA A 8 -8.71 17.33 -10.19
CA ALA A 8 -7.43 17.56 -10.88
C ALA A 8 -6.34 16.57 -10.44
N ARG A 9 -6.46 16.08 -9.21
N ARG A 9 -6.44 16.10 -9.20
CA ARG A 9 -5.53 15.12 -8.64
CA ARG A 9 -5.52 15.09 -8.65
C ARG A 9 -5.67 13.73 -9.29
C ARG A 9 -5.64 13.76 -9.37
N ALA A 10 -6.85 13.44 -9.81
CA ALA A 10 -7.16 12.15 -10.43
C ALA A 10 -7.26 12.18 -11.97
N ARG A 11 -6.57 13.14 -12.60
CA ARG A 11 -6.54 13.23 -14.06
C ARG A 11 -5.11 13.11 -14.58
N LEU A 12 -4.88 12.12 -15.44
CA LEU A 12 -3.53 11.85 -15.98
C LEU A 12 -3.12 12.89 -17.02
N ILE A 13 -1.87 13.35 -16.93
CA ILE A 13 -1.33 14.34 -17.85
C ILE A 13 -0.10 13.78 -18.56
N ASP A 14 -0.14 13.78 -19.90
CA ASP A 14 1.03 13.40 -20.68
C ASP A 14 1.72 14.67 -21.17
N PRO A 15 2.88 15.02 -20.58
CA PRO A 15 3.58 16.24 -20.99
C PRO A 15 4.33 16.12 -22.32
N GLY A 16 4.20 15.00 -23.02
CA GLY A 16 4.82 14.80 -24.33
C GLY A 16 6.07 13.94 -24.28
N PHE A 17 6.43 13.48 -23.08
CA PHE A 17 7.60 12.63 -22.91
C PHE A 17 7.53 11.94 -21.54
N GLY A 18 8.42 10.98 -21.32
CA GLY A 18 8.45 10.19 -20.10
C GLY A 18 7.64 8.93 -20.23
N ILE A 19 7.94 7.95 -19.38
CA ILE A 19 7.23 6.66 -19.38
C ILE A 19 6.17 6.54 -18.28
N TYR A 20 6.14 7.51 -17.38
CA TYR A 20 5.03 7.64 -16.42
C TYR A 20 4.39 9.00 -16.62
N LYS A 21 3.07 9.04 -16.52
CA LYS A 21 2.32 10.27 -16.72
C LYS A 21 2.19 11.04 -15.42
N VAL A 22 2.12 12.37 -15.53
CA VAL A 22 1.92 13.20 -14.35
C VAL A 22 0.60 12.75 -13.70
N ASN A 23 0.66 12.57 -12.38
CA ASN A 23 -0.44 12.01 -11.58
C ASN A 23 -0.66 10.50 -11.69
N GLU A 24 0.21 9.78 -12.39
CA GLU A 24 0.09 8.33 -12.42
C GLU A 24 0.42 7.74 -11.06
N LEU A 25 -0.29 6.68 -10.70
CA LEU A 25 0.00 5.94 -9.48
C LEU A 25 1.20 5.03 -9.70
N VAL A 26 2.21 5.19 -8.84
CA VAL A 26 3.42 4.37 -8.92
C VAL A 26 3.78 3.81 -7.54
N ASP A 27 4.78 2.92 -7.52
CA ASP A 27 5.48 2.58 -6.30
C ASP A 27 6.88 3.13 -6.43
N ALA A 28 7.42 3.65 -5.33
CA ALA A 28 8.73 4.25 -5.30
C ALA A 28 9.60 3.50 -4.29
N ARG A 29 10.78 3.07 -4.72
CA ARG A 29 11.70 2.38 -3.83
C ARG A 29 12.45 3.40 -3.00
N ASP A 30 12.26 3.36 -1.69
CA ASP A 30 13.05 4.18 -0.77
C ASP A 30 14.45 3.58 -0.67
N VAL A 31 15.46 4.31 -1.17
CA VAL A 31 16.82 3.78 -1.24
C VAL A 31 17.38 3.49 0.17
N GLY A 32 16.96 4.28 1.16
CA GLY A 32 17.39 4.07 2.55
C GLY A 32 16.94 2.77 3.18
N LEU A 33 15.75 2.27 2.79
CA LEU A 33 15.23 1.01 3.32
C LEU A 33 15.29 -0.14 2.31
N GLY A 34 15.20 0.17 1.02
CA GLY A 34 15.11 -0.84 -0.02
C GLY A 34 13.70 -1.33 -0.28
N ALA A 35 12.71 -0.72 0.37
CA ALA A 35 11.31 -1.13 0.26
C ALA A 35 10.53 -0.17 -0.63
N TRP A 36 9.36 -0.62 -1.07
CA TRP A 36 8.55 0.09 -2.04
C TRP A 36 7.28 0.66 -1.39
N PHE A 37 7.03 1.92 -1.70
CA PHE A 37 5.96 2.68 -1.09
C PHE A 37 5.11 3.35 -2.15
N GLU A 38 3.82 3.45 -1.85
CA GLU A 38 2.85 4.01 -2.76
C GLU A 38 3.12 5.48 -2.99
N ALA A 39 3.08 5.91 -4.25
CA ALA A 39 3.34 7.30 -4.60
C ALA A 39 2.62 7.70 -5.87
N HIS A 40 2.66 8.98 -6.20
CA HIS A 40 2.13 9.47 -7.47
C HIS A 40 3.11 10.41 -8.14
N ILE A 41 3.08 10.45 -9.47
CA ILE A 41 3.96 11.33 -10.22
C ILE A 41 3.48 12.77 -10.06
N HIS A 42 4.31 13.63 -9.48
CA HIS A 42 3.97 15.04 -9.33
C HIS A 42 4.32 15.79 -10.63
N SER A 43 5.53 15.59 -11.13
CA SER A 43 5.99 16.27 -12.34
C SER A 43 6.95 15.41 -13.15
N VAL A 44 6.94 15.65 -14.46
CA VAL A 44 7.88 15.04 -15.39
C VAL A 44 8.53 16.20 -16.16
N THR A 45 9.84 16.34 -16.04
CA THR A 45 10.56 17.49 -16.61
C THR A 45 11.87 17.08 -17.29
N ARG A 46 12.44 18.02 -18.04
CA ARG A 46 13.71 17.81 -18.72
C ARG A 46 14.82 18.58 -18.01
N ALA A 47 16.03 18.04 -18.03
CA ALA A 47 17.18 18.67 -17.37
C ALA A 47 17.63 19.91 -18.13
N ASP A 89 15.80 7.45 -19.74
CA ASP A 89 16.36 7.13 -18.43
C ASP A 89 17.36 8.18 -17.93
N GLU A 90 17.81 9.07 -18.82
CA GLU A 90 18.84 10.06 -18.50
C GLU A 90 18.31 11.51 -18.49
N ASP A 91 17.72 11.92 -19.60
CA ASP A 91 17.26 13.30 -19.77
C ASP A 91 15.92 13.63 -19.10
N VAL A 92 15.12 12.61 -18.79
CA VAL A 92 13.81 12.83 -18.18
C VAL A 92 13.91 12.74 -16.66
N ILE A 93 13.36 13.74 -15.96
CA ILE A 93 13.38 13.79 -14.50
C ILE A 93 11.97 13.62 -13.97
N TYR A 94 11.81 12.75 -12.98
CA TYR A 94 10.52 12.51 -12.33
C TYR A 94 10.59 12.95 -10.88
N HIS A 95 9.53 13.62 -10.43
CA HIS A 95 9.34 13.96 -9.03
C HIS A 95 8.05 13.31 -8.56
N ILE A 96 8.03 12.88 -7.30
CA ILE A 96 6.85 12.24 -6.75
C ILE A 96 6.47 12.82 -5.41
N GLN A 97 5.28 12.43 -4.97
CA GLN A 97 4.89 12.57 -3.58
C GLN A 97 4.39 11.21 -3.14
N TYR A 98 4.79 10.81 -1.94
CA TYR A 98 4.33 9.58 -1.31
C TYR A 98 2.91 9.76 -0.80
N ASP A 99 2.02 8.83 -1.13
CA ASP A 99 0.61 8.93 -0.76
C ASP A 99 0.40 9.06 0.75
N GLU A 100 1.10 8.24 1.52
CA GLU A 100 0.95 8.21 2.98
C GLU A 100 2.05 8.99 3.73
N TYR A 101 2.86 9.76 2.99
CA TYR A 101 3.81 10.68 3.61
C TYR A 101 3.77 12.03 2.90
N PRO A 102 2.59 12.68 2.86
CA PRO A 102 2.48 14.02 2.23
C PRO A 102 3.38 15.04 2.91
N GLU A 103 3.64 14.85 4.20
CA GLU A 103 4.55 15.72 4.96
C GLU A 103 5.96 15.76 4.37
N SER A 104 6.41 14.66 3.77
CA SER A 104 7.74 14.59 3.14
C SER A 104 7.86 15.45 1.90
N GLY A 105 6.74 15.90 1.34
CA GLY A 105 6.74 16.87 0.25
C GLY A 105 7.09 16.25 -1.10
N THR A 106 7.57 17.08 -2.01
CA THR A 106 7.92 16.65 -3.36
C THR A 106 9.38 16.20 -3.39
N LEU A 107 9.62 15.05 -4.04
CA LEU A 107 10.94 14.39 -4.02
C LEU A 107 11.33 13.89 -5.41
N GLU A 108 12.59 14.12 -5.79
CA GLU A 108 13.11 13.63 -7.06
C GLU A 108 13.39 12.14 -6.94
N MET A 109 13.05 11.38 -7.97
CA MET A 109 13.25 9.94 -7.95
C MET A 109 13.75 9.43 -9.30
N ASN A 110 14.87 8.70 -9.26
CA ASN A 110 15.41 8.06 -10.46
C ASN A 110 14.42 7.04 -10.99
N VAL A 111 14.32 6.93 -12.31
CA VAL A 111 13.32 6.08 -12.96
C VAL A 111 13.45 4.59 -12.60
N LYS A 112 14.67 4.14 -12.32
CA LYS A 112 14.88 2.75 -11.91
C LYS A 112 14.28 2.46 -10.54
N ASP A 113 13.98 3.50 -9.77
CA ASP A 113 13.32 3.34 -8.49
C ASP A 113 11.83 3.61 -8.55
N LEU A 114 11.25 3.51 -9.75
CA LEU A 114 9.82 3.72 -9.95
C LEU A 114 9.28 2.57 -10.79
N ARG A 115 8.01 2.26 -10.60
CA ARG A 115 7.31 1.31 -11.46
C ARG A 115 5.81 1.57 -11.29
N PRO A 116 4.98 1.03 -12.20
CA PRO A 116 3.54 1.23 -12.01
C PRO A 116 3.04 0.61 -10.69
N ARG A 117 2.03 1.22 -10.08
CA ARG A 117 1.49 0.77 -8.78
C ARG A 117 1.11 -0.69 -8.82
N ALA A 118 1.53 -1.44 -7.81
CA ALA A 118 1.14 -2.83 -7.63
C ALA A 118 -0.38 -2.93 -7.52
N ARG A 119 -0.97 -3.88 -8.24
CA ARG A 119 -2.43 -4.00 -8.35
C ARG A 119 -2.98 -5.43 -8.29
N THR A 120 -2.14 -6.42 -8.52
CA THR A 120 -2.59 -7.81 -8.67
C THR A 120 -1.93 -8.67 -7.60
N ILE A 121 -2.74 -9.40 -6.83
CA ILE A 121 -2.21 -10.35 -5.88
C ILE A 121 -2.15 -11.69 -6.57
N LEU A 122 -0.98 -12.33 -6.51
CA LEU A 122 -0.78 -13.63 -7.13
C LEU A 122 -1.32 -14.70 -6.20
N LYS A 123 -2.13 -15.60 -6.75
CA LYS A 123 -2.64 -16.74 -5.99
C LYS A 123 -1.54 -17.76 -5.80
N TRP A 124 -1.71 -18.63 -4.82
CA TRP A 124 -0.71 -19.64 -4.49
C TRP A 124 -0.31 -20.47 -5.71
N ASN A 125 -1.30 -20.87 -6.51
N ASN A 125 -1.30 -20.86 -6.50
CA ASN A 125 -1.04 -21.68 -7.70
CA ASN A 125 -1.09 -21.66 -7.70
C ASN A 125 -0.39 -20.91 -8.86
C ASN A 125 -0.39 -20.91 -8.84
N GLU A 126 -0.34 -19.58 -8.76
CA GLU A 126 0.36 -18.74 -9.74
C GLU A 126 1.84 -18.52 -9.39
N LEU A 127 2.31 -19.04 -8.25
CA LEU A 127 3.68 -18.83 -7.79
C LEU A 127 4.60 -19.98 -8.18
N ASN A 128 5.84 -19.63 -8.53
CA ASN A 128 6.87 -20.61 -8.87
C ASN A 128 8.20 -20.23 -8.22
N VAL A 129 8.99 -21.25 -7.91
CA VAL A 129 10.37 -21.03 -7.45
C VAL A 129 11.14 -20.29 -8.54
N GLY A 130 11.92 -19.28 -8.14
CA GLY A 130 12.63 -18.42 -9.10
C GLY A 130 11.90 -17.14 -9.46
N ASP A 131 10.59 -17.07 -9.20
CA ASP A 131 9.81 -15.87 -9.48
C ASP A 131 10.25 -14.73 -8.58
N VAL A 132 10.27 -13.53 -9.14
CA VAL A 132 10.56 -12.32 -8.41
C VAL A 132 9.24 -11.61 -8.16
N VAL A 133 8.86 -11.48 -6.90
CA VAL A 133 7.57 -10.91 -6.51
C VAL A 133 7.77 -9.92 -5.36
N MET A 134 6.74 -9.15 -5.05
CA MET A 134 6.81 -8.18 -3.96
C MET A 134 6.07 -8.71 -2.74
N VAL A 135 6.78 -8.77 -1.61
CA VAL A 135 6.29 -9.42 -0.41
C VAL A 135 6.43 -8.50 0.78
N ASN A 136 5.63 -8.76 1.81
CA ASN A 136 5.71 -8.04 3.06
C ASN A 136 6.59 -8.78 4.03
N TYR A 137 7.61 -8.10 4.55
CA TYR A 137 8.56 -8.73 5.45
C TYR A 137 9.12 -7.70 6.42
N ASN A 138 9.32 -8.15 7.66
CA ASN A 138 9.88 -7.30 8.70
C ASN A 138 11.27 -7.85 9.01
N VAL A 139 12.30 -7.09 8.66
CA VAL A 139 13.69 -7.58 8.76
C VAL A 139 14.11 -7.75 10.21
N GLU A 140 13.67 -6.83 11.06
CA GLU A 140 14.05 -6.82 12.48
C GLU A 140 13.23 -7.79 13.30
N SER A 141 11.98 -8.04 12.90
CA SER A 141 11.08 -8.95 13.61
C SER A 141 10.29 -9.81 12.63
N PRO A 142 10.93 -10.84 12.06
CA PRO A 142 10.34 -11.71 11.03
C PRO A 142 8.92 -12.22 11.27
N GLY A 143 8.54 -12.36 12.54
CA GLY A 143 7.18 -12.79 12.89
C GLY A 143 6.07 -11.79 12.63
N GLN A 144 6.42 -10.50 12.47
CA GLN A 144 5.44 -9.42 12.41
C GLN A 144 5.32 -8.80 11.01
N ARG A 145 4.34 -7.92 10.82
CA ARG A 145 4.18 -7.20 9.57
C ARG A 145 5.35 -6.25 9.40
N GLY A 146 5.82 -6.09 8.16
CA GLY A 146 6.95 -5.22 7.88
C GLY A 146 6.71 -4.28 6.71
N PHE A 147 7.65 -4.26 5.78
CA PHE A 147 7.57 -3.42 4.59
C PHE A 147 7.58 -4.28 3.34
N TRP A 148 7.40 -3.63 2.19
CA TRP A 148 7.22 -4.34 0.94
C TRP A 148 8.52 -4.41 0.15
N PHE A 149 9.04 -5.63 0.02
CA PHE A 149 10.35 -5.87 -0.57
C PHE A 149 10.22 -6.77 -1.78
N ASP A 150 11.07 -6.54 -2.78
CA ASP A 150 11.23 -7.49 -3.87
C ASP A 150 11.97 -8.70 -3.36
N ALA A 151 11.52 -9.87 -3.81
CA ALA A 151 12.11 -11.11 -3.35
C ALA A 151 12.02 -12.20 -4.41
N GLU A 152 13.02 -13.06 -4.42
CA GLU A 152 13.02 -14.22 -5.27
C GLU A 152 12.54 -15.41 -4.46
N ILE A 153 11.54 -16.14 -4.98
CA ILE A 153 11.03 -17.30 -4.29
C ILE A 153 12.05 -18.43 -4.35
N THR A 154 12.46 -18.93 -3.18
CA THR A 154 13.41 -20.04 -3.09
C THR A 154 12.78 -21.32 -2.54
N THR A 155 11.74 -21.19 -1.70
CA THR A 155 11.00 -22.37 -1.23
C THR A 155 9.49 -22.16 -1.33
N LEU A 156 8.82 -23.12 -1.95
CA LEU A 156 7.37 -23.18 -2.04
C LEU A 156 6.91 -24.55 -1.56
N LYS A 157 6.20 -24.58 -0.44
CA LYS A 157 5.76 -25.84 0.15
C LYS A 157 4.33 -25.73 0.63
N THR A 158 3.45 -26.58 0.11
CA THR A 158 2.09 -26.72 0.61
C THR A 158 2.10 -27.88 1.60
N ILE A 159 2.01 -27.55 2.88
CA ILE A 159 2.11 -28.55 3.94
C ILE A 159 0.77 -29.25 4.12
N SER A 160 -0.31 -28.48 4.07
CA SER A 160 -1.66 -29.02 4.19
C SER A 160 -2.65 -28.10 3.46
N ARG A 161 -3.94 -28.36 3.63
CA ARG A 161 -4.96 -27.48 3.05
C ARG A 161 -4.75 -26.03 3.47
N THR A 162 -4.36 -25.83 4.73
CA THR A 162 -4.22 -24.51 5.33
C THR A 162 -2.78 -24.04 5.47
N LYS A 163 -1.85 -24.96 5.74
CA LYS A 163 -0.47 -24.59 6.01
C LYS A 163 0.34 -24.51 4.74
N LYS A 164 1.20 -23.49 4.68
CA LYS A 164 2.05 -23.20 3.56
C LYS A 164 3.40 -22.73 4.06
N GLU A 165 4.46 -23.00 3.29
CA GLU A 165 5.78 -22.47 3.60
C GLU A 165 6.29 -21.76 2.36
N LEU A 166 6.50 -20.46 2.51
CA LEU A 166 7.06 -19.64 1.46
C LEU A 166 8.31 -18.99 2.02
N ARG A 167 9.46 -19.31 1.45
CA ARG A 167 10.72 -18.68 1.80
C ARG A 167 11.30 -17.99 0.58
N VAL A 168 11.91 -16.83 0.81
CA VAL A 168 12.41 -16.02 -0.27
C VAL A 168 13.78 -15.43 0.02
N LYS A 169 14.39 -14.89 -1.02
CA LYS A 169 15.62 -14.14 -0.96
C LYS A 169 15.23 -12.67 -1.13
N ILE A 170 15.44 -11.87 -0.08
CA ILE A 170 15.03 -10.47 -0.09
C ILE A 170 16.13 -9.61 -0.68
N PHE A 171 15.77 -8.74 -1.61
CA PHE A 171 16.70 -7.80 -2.23
C PHE A 171 16.65 -6.45 -1.53
N LEU A 172 17.71 -6.09 -0.80
CA LEU A 172 17.79 -4.80 -0.11
C LEU A 172 18.43 -3.73 -0.98
N GLY A 177 22.67 -5.59 -1.55
CA GLY A 177 22.67 -6.74 -0.65
C GLY A 177 21.36 -7.53 -0.64
N THR A 178 21.43 -8.78 -0.19
CA THR A 178 20.28 -9.67 -0.13
C THR A 178 20.24 -10.48 1.18
N LEU A 179 19.03 -10.77 1.66
CA LEU A 179 18.84 -11.66 2.82
C LEU A 179 18.23 -12.97 2.35
N ASN A 180 18.81 -14.08 2.79
CA ASN A 180 18.40 -15.40 2.32
C ASN A 180 17.49 -16.13 3.31
N ASP A 181 16.65 -17.01 2.77
CA ASP A 181 15.83 -17.92 3.57
C ASP A 181 14.87 -17.17 4.50
N CYS A 182 14.27 -16.11 3.99
CA CYS A 182 13.30 -15.33 4.75
C CYS A 182 11.91 -15.95 4.64
N LYS A 183 11.31 -16.26 5.79
CA LYS A 183 9.97 -16.84 5.83
C LYS A 183 8.92 -15.74 5.74
N ILE A 184 8.07 -15.82 4.72
CA ILE A 184 6.99 -14.86 4.51
C ILE A 184 5.69 -15.37 5.13
N ILE A 185 5.16 -14.64 6.11
CA ILE A 185 3.95 -15.04 6.84
C ILE A 185 2.69 -14.71 6.05
N SER A 186 2.68 -13.55 5.40
CA SER A 186 1.53 -13.05 4.66
C SER A 186 1.46 -13.64 3.23
N VAL A 187 1.27 -14.96 3.16
CA VAL A 187 1.25 -15.69 1.89
C VAL A 187 0.06 -15.37 0.98
N ASP A 188 -0.99 -14.75 1.54
CA ASP A 188 -2.16 -14.30 0.77
C ASP A 188 -2.03 -12.86 0.27
N GLU A 189 -0.84 -12.26 0.42
CA GLU A 189 -0.60 -10.90 -0.08
C GLU A 189 0.72 -10.82 -0.85
N ILE A 190 0.88 -11.69 -1.84
CA ILE A 190 2.06 -11.69 -2.69
C ILE A 190 1.69 -10.92 -3.94
N PHE A 191 2.37 -9.79 -4.18
CA PHE A 191 2.04 -8.92 -5.31
C PHE A 191 2.92 -9.16 -6.53
N LYS A 192 2.29 -9.15 -7.70
CA LYS A 192 3.00 -9.13 -8.96
C LYS A 192 3.72 -7.80 -9.15
N ILE A 193 4.94 -7.85 -9.65
CA ILE A 193 5.70 -6.66 -9.98
C ILE A 193 5.29 -6.17 -11.38
N GLU A 194 4.79 -4.95 -11.45
CA GLU A 194 4.44 -4.32 -12.73
C GLU A 194 5.69 -3.74 -13.38
N ARG A 195 5.69 -3.70 -14.70
CA ARG A 195 6.82 -3.19 -15.47
C ARG A 195 6.37 -1.99 -16.27
N PRO A 196 7.31 -1.14 -16.70
CA PRO A 196 6.98 -0.01 -17.59
C PRO A 196 6.03 -0.43 -18.72
N GLY A 197 5.05 0.43 -19.01
CA GLY A 197 4.08 0.14 -20.07
C GLY A 197 2.75 -0.43 -19.58
N ALA A 198 2.65 -0.71 -18.28
CA ALA A 198 1.39 -1.20 -17.71
C ALA A 198 0.36 -0.08 -17.77
N HIS A 199 -0.92 -0.45 -17.82
CA HIS A 199 -2.01 0.54 -17.85
C HIS A 199 -1.80 1.57 -16.73
N PRO A 200 -1.71 2.87 -17.09
CA PRO A 200 -1.58 3.91 -16.08
C PRO A 200 -2.82 4.08 -15.19
N LEU A 201 -2.63 3.91 -13.88
CA LEU A 201 -3.69 4.13 -12.92
C LEU A 201 -3.67 5.57 -12.44
N SER A 202 -4.85 6.06 -12.03
CA SER A 202 -5.00 7.36 -11.39
C SER A 202 -5.79 7.15 -10.11
N PHE A 203 -5.95 8.20 -9.31
CA PHE A 203 -6.79 8.13 -8.12
C PHE A 203 -8.28 7.91 -8.45
N ALA A 204 -8.68 8.18 -9.69
CA ALA A 204 -10.03 7.90 -10.16
C ALA A 204 -10.33 6.40 -10.17
N ASP A 205 -9.30 5.59 -10.40
CA ASP A 205 -9.42 4.13 -10.37
C ASP A 205 -9.52 3.58 -8.95
N GLY A 206 -9.03 4.34 -7.97
CA GLY A 206 -8.96 3.90 -6.57
C GLY A 206 -7.68 4.37 -5.90
N LYS A 207 -7.53 4.08 -4.61
CA LYS A 207 -6.33 4.50 -3.88
C LYS A 207 -5.20 3.48 -3.96
N PHE A 208 -5.53 2.23 -4.28
CA PHE A 208 -4.55 1.14 -4.39
C PHE A 208 -3.50 1.14 -3.27
N LEU A 209 -4.01 1.23 -2.05
CA LEU A 209 -3.17 1.16 -0.85
C LEU A 209 -3.09 -0.28 -0.36
N ARG A 210 -1.89 -0.68 0.06
CA ARG A 210 -1.66 -2.00 0.63
C ARG A 210 -1.90 -1.92 2.13
N ARG A 211 -1.96 -3.08 2.78
N ARG A 211 -1.95 -3.09 2.77
CA ARG A 211 -2.06 -3.13 4.23
CA ARG A 211 -2.04 -3.15 4.23
C ARG A 211 -0.66 -2.85 4.80
C ARG A 211 -0.65 -2.86 4.80
N ASN A 212 -0.46 -1.62 5.26
CA ASN A 212 0.85 -1.12 5.68
C ASN A 212 1.05 -0.97 7.19
N ASP A 213 0.00 -1.17 7.97
CA ASP A 213 0.08 -1.05 9.43
C ASP A 213 0.12 -2.42 10.09
N PRO A 214 0.71 -2.48 11.31
CA PRO A 214 0.66 -3.72 12.09
C PRO A 214 -0.78 -4.10 12.47
N CYS A 216 -3.61 -4.82 14.40
CA CYS A 216 -4.31 -4.44 15.63
C CYS A 216 -4.12 -5.47 16.74
N ASP A 217 -3.62 -5.02 17.88
CA ASP A 217 -3.42 -5.88 19.06
C ASP A 217 -4.73 -6.30 19.73
N LEU A 218 -5.75 -5.46 19.63
CA LEU A 218 -7.00 -5.69 20.34
C LEU A 218 -7.82 -6.82 19.72
N CYS A 219 -8.48 -6.54 18.60
CA CYS A 219 -9.37 -7.51 17.96
C CYS A 219 -8.62 -8.54 17.09
N GLY A 220 -7.36 -8.25 16.78
CA GLY A 220 -6.54 -9.16 15.97
C GLY A 220 -6.89 -9.14 14.49
N GLY A 221 -7.49 -8.04 14.04
CA GLY A 221 -7.95 -7.91 12.66
C GLY A 221 -9.15 -8.79 12.28
N ASP A 222 -9.84 -9.34 13.27
CA ASP A 222 -10.97 -10.24 13.03
C ASP A 222 -12.23 -9.42 12.76
N PRO A 223 -12.95 -9.71 11.66
CA PRO A 223 -14.16 -8.96 11.32
C PRO A 223 -15.36 -9.29 12.23
N GLU A 224 -15.26 -10.35 13.02
CA GLU A 224 -16.33 -10.76 13.93
C GLU A 224 -16.35 -9.92 15.22
N LYS A 225 -15.19 -9.81 15.87
CA LYS A 225 -15.10 -9.14 17.16
C LYS A 225 -15.26 -7.63 17.04
N LYS A 226 -16.00 -7.04 17.99
CA LYS A 226 -16.14 -5.58 18.07
C LYS A 226 -14.81 -4.95 18.40
N CYS A 227 -14.61 -3.69 18.00
CA CYS A 227 -13.36 -2.98 18.26
C CYS A 227 -13.55 -1.47 18.36
N HIS A 228 -13.32 -0.92 19.55
CA HIS A 228 -13.31 0.53 19.76
C HIS A 228 -12.05 1.20 19.19
N SER A 229 -11.02 0.41 18.91
CA SER A 229 -9.70 0.92 18.51
C SER A 229 -9.58 1.15 17.01
N CYS A 230 -9.96 0.15 16.21
CA CYS A 230 -9.85 0.21 14.75
C CYS A 230 -11.19 0.43 14.04
N SER A 231 -12.26 0.67 14.81
CA SER A 231 -13.58 0.97 14.27
C SER A 231 -14.23 2.11 15.08
N CYS A 232 -15.56 2.19 15.10
CA CYS A 232 -16.26 3.29 15.78
C CYS A 232 -15.86 3.37 17.26
N ARG A 233 -15.42 4.54 17.69
N ARG A 233 -15.41 4.54 17.68
CA ARG A 233 -14.92 4.76 19.05
CA ARG A 233 -14.92 4.75 19.05
C ARG A 233 -16.04 4.72 20.08
C ARG A 233 -16.05 4.73 20.09
N VAL A 234 -17.24 5.16 19.69
CA VAL A 234 -18.38 5.23 20.62
C VAL A 234 -19.01 3.87 20.90
N CYS A 235 -19.24 3.08 19.85
CA CYS A 235 -19.95 1.79 19.98
C CYS A 235 -19.13 0.54 19.66
N GLY A 236 -18.11 0.66 18.83
CA GLY A 236 -17.26 -0.47 18.45
C GLY A 236 -17.96 -1.42 17.48
N GLY A 237 -18.55 -0.85 16.43
CA GLY A 237 -19.28 -1.61 15.43
C GLY A 237 -18.73 -1.37 14.04
N LYS A 238 -18.25 -2.44 13.40
CA LYS A 238 -17.72 -2.38 12.04
C LYS A 238 -18.81 -2.38 10.98
N HIS A 239 -20.05 -2.66 11.40
CA HIS A 239 -21.22 -2.57 10.52
C HIS A 239 -21.31 -1.19 9.86
N GLU A 240 -21.74 -1.17 8.61
CA GLU A 240 -21.84 0.05 7.82
C GLU A 240 -20.48 0.75 7.66
N PRO A 241 -19.64 0.24 6.73
CA PRO A 241 -18.46 1.00 6.32
C PRO A 241 -18.82 2.31 5.61
N ASN A 242 -20.01 2.35 4.99
CA ASN A 242 -20.47 3.53 4.25
C ASN A 242 -21.05 4.66 5.11
N MET A 243 -21.74 4.32 6.21
CA MET A 243 -22.35 5.32 7.10
C MET A 243 -21.47 5.58 8.31
N GLN A 244 -20.19 5.86 8.07
CA GLN A 244 -19.19 5.99 9.13
C GLN A 244 -17.92 6.67 8.57
N LEU A 245 -17.66 7.89 9.03
CA LEU A 245 -16.57 8.72 8.47
C LEU A 245 -15.29 8.65 9.30
N LEU A 246 -14.15 8.72 8.62
CA LEU A 246 -12.82 8.68 9.26
C LEU A 246 -12.23 10.07 9.44
N CYS A 247 -11.11 10.13 10.17
CA CYS A 247 -10.35 11.37 10.37
C CYS A 247 -8.98 11.25 9.69
N ASP A 248 -8.39 12.40 9.35
CA ASP A 248 -7.09 12.43 8.66
C ASP A 248 -5.90 12.65 9.59
N GLU A 249 -6.08 13.49 10.62
CA GLU A 249 -5.00 13.82 11.54
C GLU A 249 -4.68 12.67 12.50
N CYS A 250 -5.68 12.27 13.28
CA CYS A 250 -5.50 11.22 14.31
C CYS A 250 -5.94 9.82 13.81
N ASN A 251 -6.91 9.79 12.90
CA ASN A 251 -7.39 8.55 12.26
C ASN A 251 -8.17 7.62 13.19
N VAL A 252 -9.35 8.08 13.60
CA VAL A 252 -10.33 7.25 14.33
C VAL A 252 -11.74 7.54 13.79
N ALA A 253 -12.61 6.53 13.79
CA ALA A 253 -13.90 6.60 13.13
C ALA A 253 -15.08 6.91 14.05
N TYR A 254 -16.18 7.36 13.45
CA TYR A 254 -17.45 7.61 14.15
C TYR A 254 -18.61 7.39 13.18
N HIS A 255 -19.70 6.78 13.66
CA HIS A 255 -20.92 6.67 12.86
C HIS A 255 -21.61 8.03 12.77
N ILE A 256 -22.49 8.19 11.78
CA ILE A 256 -23.25 9.42 11.59
C ILE A 256 -24.19 9.69 12.78
N TYR A 257 -24.64 8.63 13.42
CA TYR A 257 -25.59 8.73 14.55
C TYR A 257 -24.94 8.49 15.92
N CYS A 258 -23.62 8.34 15.95
CA CYS A 258 -22.88 8.12 17.22
C CYS A 258 -22.18 9.37 17.76
N LEU A 259 -22.03 10.40 16.92
CA LEU A 259 -21.44 11.65 17.35
C LEU A 259 -22.37 12.38 18.33
N ASN A 260 -21.80 13.26 19.14
CA ASN A 260 -22.56 14.10 20.05
C ASN A 260 -22.35 15.58 19.69
N PRO A 261 -23.32 16.20 18.98
CA PRO A 261 -24.63 15.71 18.55
C PRO A 261 -24.59 14.88 17.25
N PRO A 262 -25.62 14.03 17.02
CA PRO A 262 -25.66 13.19 15.81
C PRO A 262 -25.80 13.99 14.51
N LEU A 263 -25.05 13.59 13.49
CA LEU A 263 -25.10 14.25 12.18
C LEU A 263 -26.30 13.74 11.36
N ASP A 264 -26.88 14.64 10.58
CA ASP A 264 -28.03 14.31 9.73
C ASP A 264 -27.61 13.44 8.55
N LYS A 265 -26.54 13.83 7.87
CA LYS A 265 -26.00 13.09 6.72
C LYS A 265 -24.49 12.90 6.84
N VAL A 266 -23.92 12.17 5.87
CA VAL A 266 -22.49 11.85 5.87
C VAL A 266 -21.63 13.10 5.75
N TRP A 272 -13.45 14.17 5.87
CA TRP A 272 -14.05 14.62 7.13
C TRP A 272 -13.01 14.63 8.25
N TYR A 273 -13.25 15.48 9.25
CA TYR A 273 -12.37 15.58 10.42
C TYR A 273 -13.21 15.53 11.71
N CYS A 274 -12.60 14.99 12.78
CA CYS A 274 -13.31 14.71 14.03
C CYS A 274 -13.61 15.98 14.84
N PRO A 275 -14.72 15.99 15.62
CA PRO A 275 -15.15 17.17 16.36
C PRO A 275 -14.39 17.42 17.66
N SER A 276 -13.85 16.35 18.27
CA SER A 276 -13.11 16.46 19.52
C SER A 276 -11.78 17.21 19.35
N CYS A 277 -11.28 17.31 18.11
CA CYS A 277 -10.10 18.09 17.81
C CYS A 277 -10.45 19.59 17.84
N LYS A 278 -11.45 19.96 17.05
CA LYS A 278 -11.93 21.34 17.00
C LYS A 278 -13.04 21.56 18.04
#